data_9G14
#
_entry.id   9G14
#
_cell.length_a   178.557
_cell.length_b   178.557
_cell.length_c   178.557
_cell.angle_alpha   90.00
_cell.angle_beta   90.00
_cell.angle_gamma   90.00
#
_symmetry.space_group_name_H-M   'F 2 3'
#
loop_
_entity.id
_entity.type
_entity.pdbx_description
1 polymer 'Leukotriene C4 synthase'
2 non-polymer GLYCEROL
3 non-polymer 'SULFATE ION'
4 non-polymer GLUTATHIONE
5 non-polymer 'PALMITIC ACID'
6 non-polymer 'PALMITOLEIC ACID'
7 non-polymer DODECYL-BETA-D-MALTOSIDE
8 non-polymer 1-(phenylmethyl)-9-quinoxalin-2-yl-1,9-diazaspiro[5.5]undecan-2-one
9 water water
#
_entity_poly.entity_id   1
_entity_poly.type   'polypeptide(L)'
_entity_poly.pdbx_seq_one_letter_code
;MHHHHHHGKDEVALLAAVTLLGVLLQAYFSLQVISARRAFRVSPPLTTGPPEFERVYRAQVNCSEYFPLFLATLWVAGIF
FHEGAAALCGLVYLFARLRYFQGYARSAQLRLAPLYASARALWLLVALAALGLLAHFLPAALRAALLGRLRTLLPWA
;
_entity_poly.pdbx_strand_id   A
#
# COMPACT_ATOMS: atom_id res chain seq x y z
N GLY A 8 -9.36 -17.77 15.50
CA GLY A 8 -8.52 -16.58 15.65
C GLY A 8 -7.82 -16.17 14.37
N LYS A 9 -7.39 -17.15 13.56
CA LYS A 9 -6.72 -16.88 12.27
C LYS A 9 -7.71 -16.24 11.31
N ASP A 10 -8.97 -16.69 11.32
CA ASP A 10 -9.99 -16.14 10.43
C ASP A 10 -10.33 -14.67 10.75
N GLU A 11 -9.96 -14.16 11.95
CA GLU A 11 -10.10 -12.73 12.27
C GLU A 11 -9.10 -11.87 11.44
N VAL A 12 -8.07 -12.49 10.83
CA VAL A 12 -7.07 -11.78 10.01
C VAL A 12 -6.98 -12.37 8.57
N ALA A 13 -7.87 -13.31 8.18
CA ALA A 13 -7.84 -13.97 6.87
C ALA A 13 -8.07 -13.03 5.71
N LEU A 14 -8.91 -12.01 5.90
CA LEU A 14 -9.19 -10.99 4.87
C LEU A 14 -7.94 -10.17 4.64
N LEU A 15 -7.23 -9.77 5.71
CA LEU A 15 -6.00 -9.00 5.56
C LEU A 15 -4.93 -9.82 4.85
N ALA A 16 -4.87 -11.14 5.16
CA ALA A 16 -3.92 -12.05 4.53
C ALA A 16 -4.25 -12.21 3.04
N ALA A 17 -5.54 -12.22 2.67
CA ALA A 17 -5.94 -12.36 1.27
C ALA A 17 -5.57 -11.12 0.48
N VAL A 18 -5.78 -9.92 1.08
CA VAL A 18 -5.45 -8.65 0.43
C VAL A 18 -3.93 -8.50 0.27
N THR A 19 -3.16 -8.96 1.29
CA THR A 19 -1.70 -9.01 1.28
C THR A 19 -1.22 -9.90 0.11
N LEU A 20 -1.84 -11.09 -0.05
CA LEU A 20 -1.48 -12.02 -1.11
C LEU A 20 -1.79 -11.42 -2.50
N LEU A 21 -2.88 -10.67 -2.61
CA LEU A 21 -3.23 -10.00 -3.87
C LEU A 21 -2.21 -8.92 -4.23
N GLY A 22 -1.69 -8.23 -3.22
CA GLY A 22 -0.64 -7.24 -3.38
C GLY A 22 0.66 -7.87 -3.84
N VAL A 23 0.96 -9.10 -3.37
CA VAL A 23 2.16 -9.82 -3.79
C VAL A 23 2.03 -10.21 -5.27
N LEU A 24 0.85 -10.70 -5.67
CA LEU A 24 0.58 -11.09 -7.06
C LEU A 24 0.65 -9.89 -8.00
N LEU A 25 0.19 -8.71 -7.54
CA LEU A 25 0.25 -7.50 -8.34
C LEU A 25 1.73 -7.09 -8.57
N GLN A 26 2.61 -7.30 -7.57
CA GLN A 26 4.03 -7.00 -7.71
C GLN A 26 4.68 -7.92 -8.76
N ALA A 27 4.25 -9.21 -8.82
CA ALA A 27 4.74 -10.15 -9.83
C ALA A 27 4.33 -9.67 -11.23
N TYR A 28 3.11 -9.11 -11.36
CA TYR A 28 2.62 -8.57 -12.62
C TYR A 28 3.47 -7.37 -13.03
N PHE A 29 3.84 -6.50 -12.09
CA PHE A 29 4.67 -5.33 -12.39
C PHE A 29 6.08 -5.75 -12.85
N SER A 30 6.62 -6.81 -12.22
CA SER A 30 7.90 -7.39 -12.57
C SER A 30 7.86 -8.03 -13.97
N LEU A 31 6.72 -8.66 -14.32
CA LEU A 31 6.53 -9.27 -15.64
C LEU A 31 6.56 -8.19 -16.73
N GLN A 32 5.95 -7.01 -16.46
CA GLN A 32 5.95 -5.90 -17.42
C GLN A 32 7.34 -5.28 -17.64
N VAL A 33 8.18 -5.27 -16.59
CA VAL A 33 9.54 -4.75 -16.72
C VAL A 33 10.41 -5.72 -17.56
N ILE A 34 10.16 -7.04 -17.44
CA ILE A 34 10.85 -8.05 -18.22
C ILE A 34 10.46 -7.91 -19.71
N SER A 35 9.17 -7.65 -19.99
CA SER A 35 8.70 -7.46 -21.35
C SER A 35 9.28 -6.18 -21.96
N ALA A 36 9.45 -5.12 -21.14
CA ALA A 36 10.03 -3.86 -21.60
C ALA A 36 11.54 -4.00 -21.87
N ARG A 37 12.24 -4.84 -21.10
CA ARG A 37 13.66 -5.10 -21.29
C ARG A 37 13.95 -5.72 -22.65
N ARG A 38 13.06 -6.62 -23.10
CA ARG A 38 13.21 -7.26 -24.39
C ARG A 38 12.85 -6.28 -25.52
N ALA A 39 11.77 -5.51 -25.32
CA ALA A 39 11.28 -4.52 -26.29
C ALA A 39 12.28 -3.40 -26.61
N PHE A 40 13.17 -3.06 -25.67
CA PHE A 40 14.14 -2.00 -25.90
C PHE A 40 15.61 -2.43 -25.73
N ARG A 41 15.86 -3.75 -25.67
CA ARG A 41 17.19 -4.34 -25.51
C ARG A 41 18.00 -3.73 -24.37
N VAL A 42 17.31 -3.37 -23.27
CA VAL A 42 17.98 -2.82 -22.09
C VAL A 42 18.24 -4.02 -21.22
N SER A 43 19.39 -4.66 -21.42
CA SER A 43 19.75 -5.86 -20.69
C SER A 43 20.36 -5.56 -19.33
N PRO A 44 20.05 -6.39 -18.33
CA PRO A 44 20.64 -6.19 -16.99
C PRO A 44 22.17 -6.28 -17.02
N PRO A 45 22.89 -5.53 -16.18
CA PRO A 45 22.41 -4.65 -15.09
C PRO A 45 21.96 -3.23 -15.46
N LEU A 46 21.66 -2.95 -16.73
CA LEU A 46 21.26 -1.60 -17.15
C LEU A 46 19.85 -1.20 -16.75
N THR A 47 19.70 -0.01 -16.14
CA THR A 47 18.37 0.50 -15.76
C THR A 47 17.97 1.76 -16.51
N THR A 48 18.93 2.41 -17.20
CA THR A 48 18.65 3.58 -18.04
C THR A 48 18.48 3.11 -19.47
N GLY A 49 17.60 3.78 -20.20
CA GLY A 49 17.32 3.43 -21.59
C GLY A 49 16.34 4.41 -22.19
N PRO A 50 15.57 3.98 -23.20
CA PRO A 50 14.57 4.90 -23.79
C PRO A 50 13.53 5.36 -22.76
N PRO A 51 12.86 6.52 -22.98
CA PRO A 51 11.90 7.02 -21.98
C PRO A 51 10.76 6.07 -21.65
N GLU A 52 10.31 5.26 -22.62
CA GLU A 52 9.24 4.29 -22.41
C GLU A 52 9.68 3.19 -21.44
N PHE A 53 10.95 2.76 -21.53
CA PHE A 53 11.49 1.75 -20.63
C PHE A 53 11.63 2.35 -19.24
N GLU A 54 12.19 3.57 -19.15
CA GLU A 54 12.43 4.25 -17.89
C GLU A 54 11.15 4.48 -17.08
N ARG A 55 10.03 4.76 -17.74
CA ARG A 55 8.77 5.01 -17.05
C ARG A 55 8.20 3.75 -16.39
N VAL A 56 8.20 2.63 -17.12
CA VAL A 56 7.74 1.32 -16.66
C VAL A 56 8.62 0.82 -15.50
N TYR A 57 9.94 1.04 -15.63
CA TYR A 57 10.93 0.68 -14.64
C TYR A 57 10.74 1.50 -13.36
N ARG A 58 10.55 2.84 -13.49
CA ARG A 58 10.31 3.73 -12.34
C ARG A 58 8.96 3.44 -11.67
N ALA A 59 7.94 3.03 -12.46
CA ALA A 59 6.62 2.69 -11.95
C ALA A 59 6.72 1.45 -11.05
N GLN A 60 7.51 0.47 -11.47
CA GLN A 60 7.74 -0.75 -10.73
C GLN A 60 8.51 -0.46 -9.43
N VAL A 61 9.55 0.37 -9.48
CA VAL A 61 10.35 0.72 -8.31
C VAL A 61 9.49 1.43 -7.27
N ASN A 62 8.62 2.34 -7.72
CA ASN A 62 7.71 3.07 -6.85
C ASN A 62 6.73 2.13 -6.18
N CYS A 63 6.15 1.20 -6.95
CA CYS A 63 5.21 0.25 -6.39
C CYS A 63 5.90 -0.67 -5.35
N SER A 64 7.16 -1.12 -5.61
CA SER A 64 7.89 -1.95 -4.65
C SER A 64 8.23 -1.22 -3.37
N GLU A 65 8.67 0.03 -3.47
CA GLU A 65 9.06 0.81 -2.30
C GLU A 65 7.89 1.12 -1.36
N TYR A 66 6.71 1.28 -1.93
CA TYR A 66 5.49 1.54 -1.22
C TYR A 66 4.79 0.25 -0.76
N PHE A 67 5.12 -0.92 -1.34
CA PHE A 67 4.49 -2.18 -0.93
C PHE A 67 4.60 -2.45 0.62
N PRO A 68 5.79 -2.30 1.25
CA PRO A 68 5.86 -2.51 2.72
C PRO A 68 5.08 -1.48 3.52
N LEU A 69 4.87 -0.27 2.98
CA LEU A 69 4.10 0.78 3.66
C LEU A 69 2.64 0.42 3.64
N PHE A 70 2.13 -0.04 2.48
CA PHE A 70 0.77 -0.54 2.33
C PHE A 70 0.57 -1.74 3.31
N LEU A 71 1.51 -2.66 3.35
CA LEU A 71 1.45 -3.86 4.18
C LEU A 71 1.39 -3.52 5.68
N ALA A 72 2.30 -2.65 6.15
CA ALA A 72 2.32 -2.25 7.55
C ALA A 72 1.02 -1.58 8.02
N THR A 73 0.49 -0.62 7.24
CA THR A 73 -0.72 0.11 7.60
C THR A 73 -1.96 -0.73 7.44
N LEU A 74 -2.01 -1.62 6.45
CA LEU A 74 -3.14 -2.54 6.27
C LEU A 74 -3.31 -3.41 7.53
N TRP A 75 -2.20 -3.95 8.04
CA TRP A 75 -2.23 -4.82 9.21
C TRP A 75 -2.52 -4.06 10.52
N VAL A 76 -1.91 -2.88 10.72
CA VAL A 76 -2.21 -2.08 11.92
C VAL A 76 -3.68 -1.63 11.91
N ALA A 77 -4.17 -1.10 10.76
CA ALA A 77 -5.58 -0.70 10.65
C ALA A 77 -6.56 -1.88 10.78
N GLY A 78 -6.22 -3.02 10.19
CA GLY A 78 -7.10 -4.18 10.19
C GLY A 78 -7.23 -4.83 11.55
N ILE A 79 -6.17 -4.76 12.35
CA ILE A 79 -6.18 -5.35 13.69
C ILE A 79 -6.73 -4.38 14.73
N PHE A 80 -6.36 -3.09 14.64
CA PHE A 80 -6.76 -2.13 15.67
C PHE A 80 -8.00 -1.32 15.34
N PHE A 81 -8.33 -1.10 14.07
CA PHE A 81 -9.56 -0.37 13.73
C PHE A 81 -10.69 -1.39 13.46
N HIS A 82 -10.84 -1.88 12.22
CA HIS A 82 -11.83 -2.90 11.82
C HIS A 82 -11.24 -3.60 10.60
N GLU A 83 -11.30 -4.93 10.58
CA GLU A 83 -10.74 -5.74 9.53
C GLU A 83 -11.32 -5.48 8.13
N GLY A 84 -12.65 -5.40 8.03
CA GLY A 84 -13.35 -5.18 6.77
C GLY A 84 -13.03 -3.85 6.14
N ALA A 85 -13.04 -2.78 6.93
CA ALA A 85 -12.77 -1.42 6.46
C ALA A 85 -11.35 -1.29 5.92
N ALA A 86 -10.38 -1.87 6.64
CA ALA A 86 -8.97 -1.84 6.23
C ALA A 86 -8.75 -2.66 4.95
N ALA A 87 -9.34 -3.85 4.86
CA ALA A 87 -9.21 -4.70 3.69
C ALA A 87 -9.79 -4.00 2.46
N LEU A 88 -10.93 -3.28 2.61
CA LEU A 88 -11.53 -2.51 1.53
C LEU A 88 -10.62 -1.37 1.09
N CYS A 89 -10.04 -0.59 2.05
CA CYS A 89 -9.08 0.48 1.69
C CYS A 89 -7.85 -0.10 0.98
N GLY A 90 -7.39 -1.27 1.43
CA GLY A 90 -6.25 -1.97 0.84
C GLY A 90 -6.51 -2.33 -0.60
N LEU A 91 -7.72 -2.83 -0.89
CA LEU A 91 -8.15 -3.15 -2.25
C LEU A 91 -8.18 -1.88 -3.11
N VAL A 92 -8.71 -0.77 -2.56
CA VAL A 92 -8.77 0.53 -3.24
C VAL A 92 -7.33 1.01 -3.56
N TYR A 93 -6.40 0.82 -2.64
CA TYR A 93 -5.00 1.18 -2.82
C TYR A 93 -4.35 0.35 -3.94
N LEU A 94 -4.56 -0.97 -3.93
CA LEU A 94 -3.97 -1.85 -4.93
C LEU A 94 -4.50 -1.51 -6.32
N PHE A 95 -5.81 -1.28 -6.46
CA PHE A 95 -6.40 -0.96 -7.75
C PHE A 95 -5.87 0.40 -8.25
N ALA A 96 -5.67 1.38 -7.35
CA ALA A 96 -5.14 2.68 -7.76
C ALA A 96 -3.68 2.53 -8.23
N ARG A 97 -2.89 1.63 -7.61
CA ARG A 97 -1.50 1.38 -7.98
C ARG A 97 -1.40 0.66 -9.33
N LEU A 98 -2.39 -0.20 -9.66
CA LEU A 98 -2.40 -0.86 -10.96
C LEU A 98 -2.63 0.22 -12.03
N ARG A 99 -3.63 1.12 -11.81
CA ARG A 99 -3.93 2.20 -12.75
C ARG A 99 -2.74 3.17 -12.88
N TYR A 100 -2.00 3.40 -11.79
CA TYR A 100 -0.82 4.27 -11.76
C TYR A 100 0.26 3.69 -12.68
N PHE A 101 0.45 2.38 -12.61
CA PHE A 101 1.45 1.68 -13.40
C PHE A 101 1.09 1.74 -14.87
N GLN A 102 -0.19 1.51 -15.19
CA GLN A 102 -0.68 1.56 -16.57
C GLN A 102 -0.61 2.95 -17.17
N GLY A 103 -0.93 3.96 -16.36
CA GLY A 103 -0.86 5.35 -16.82
C GLY A 103 0.56 5.81 -17.08
N TYR A 104 1.49 5.50 -16.15
CA TYR A 104 2.91 5.83 -16.21
C TYR A 104 3.57 5.19 -17.43
N ALA A 105 3.18 3.95 -17.77
CA ALA A 105 3.70 3.28 -18.96
C ALA A 105 3.40 4.11 -20.24
N ARG A 106 2.21 4.74 -20.30
CA ARG A 106 1.84 5.55 -21.45
C ARG A 106 2.55 6.92 -21.37
N SER A 107 2.46 7.60 -20.22
CA SER A 107 3.12 8.91 -20.07
C SER A 107 3.31 9.29 -18.61
N ALA A 108 4.26 10.19 -18.33
CA ALA A 108 4.52 10.68 -16.99
C ALA A 108 3.30 11.42 -16.42
N GLN A 109 2.60 12.21 -17.26
CA GLN A 109 1.41 12.98 -16.87
C GLN A 109 0.23 12.08 -16.48
N LEU A 110 0.00 10.99 -17.25
CA LEU A 110 -1.11 10.08 -17.01
C LEU A 110 -0.99 9.24 -15.72
N ARG A 111 0.18 9.25 -15.08
CA ARG A 111 0.40 8.56 -13.82
C ARG A 111 -0.17 9.38 -12.64
N LEU A 112 -0.29 10.73 -12.79
CA LEU A 112 -0.67 11.65 -11.73
C LEU A 112 -2.03 11.41 -11.09
N ALA A 113 -3.15 11.38 -11.85
CA ALA A 113 -4.46 11.11 -11.24
C ALA A 113 -4.50 9.77 -10.42
N PRO A 114 -4.07 8.61 -10.97
CA PRO A 114 -4.04 7.39 -10.13
C PRO A 114 -3.02 7.41 -8.97
N LEU A 115 -1.96 8.22 -9.09
CA LEU A 115 -0.97 8.37 -8.02
C LEU A 115 -1.63 9.13 -6.85
N TYR A 116 -2.39 10.21 -7.15
CA TYR A 116 -3.07 10.96 -6.10
C TYR A 116 -4.15 10.09 -5.45
N ALA A 117 -4.83 9.24 -6.23
CA ALA A 117 -5.84 8.30 -5.74
C ALA A 117 -5.20 7.26 -4.80
N SER A 118 -3.99 6.79 -5.13
CA SER A 118 -3.30 5.82 -4.30
C SER A 118 -2.78 6.46 -2.99
N ALA A 119 -2.40 7.76 -3.07
CA ALA A 119 -1.94 8.52 -1.91
C ALA A 119 -3.11 8.72 -0.93
N ARG A 120 -4.32 9.00 -1.46
CA ARG A 120 -5.52 9.17 -0.63
C ARG A 120 -5.88 7.87 0.07
N ALA A 121 -5.75 6.74 -0.63
CA ALA A 121 -6.07 5.44 -0.07
C ALA A 121 -5.06 5.06 1.02
N LEU A 122 -3.77 5.39 0.82
CA LEU A 122 -2.74 5.11 1.80
C LEU A 122 -2.89 6.02 3.02
N TRP A 123 -3.22 7.32 2.81
CA TRP A 123 -3.44 8.23 3.92
C TRP A 123 -4.65 7.79 4.75
N LEU A 124 -5.69 7.25 4.11
CA LEU A 124 -6.88 6.75 4.79
C LEU A 124 -6.53 5.53 5.66
N LEU A 125 -5.69 4.60 5.15
CA LEU A 125 -5.24 3.46 5.94
C LEU A 125 -4.45 3.94 7.16
N VAL A 126 -3.61 4.97 6.99
CA VAL A 126 -2.81 5.58 8.05
C VAL A 126 -3.75 6.17 9.12
N ALA A 127 -4.81 6.85 8.69
CA ALA A 127 -5.80 7.44 9.57
C ALA A 127 -6.57 6.37 10.35
N LEU A 128 -6.94 5.25 9.69
CA LEU A 128 -7.65 4.17 10.37
C LEU A 128 -6.76 3.49 11.40
N ALA A 129 -5.47 3.30 11.06
CA ALA A 129 -4.49 2.73 11.97
C ALA A 129 -4.33 3.64 13.22
N ALA A 130 -4.25 4.96 13.02
CA ALA A 130 -4.11 5.93 14.11
C ALA A 130 -5.38 5.92 14.99
N LEU A 131 -6.57 5.92 14.37
CA LEU A 131 -7.85 5.85 15.08
C LEU A 131 -7.96 4.57 15.91
N GLY A 132 -7.54 3.44 15.34
CA GLY A 132 -7.55 2.17 16.03
C GLY A 132 -6.57 2.13 17.20
N LEU A 133 -5.38 2.69 17.02
CA LEU A 133 -4.40 2.75 18.12
C LEU A 133 -4.92 3.66 19.24
N LEU A 134 -5.57 4.80 18.89
CA LEU A 134 -6.14 5.70 19.90
C LEU A 134 -7.30 5.02 20.64
N ALA A 135 -8.14 4.27 19.92
CA ALA A 135 -9.26 3.52 20.51
C ALA A 135 -8.81 2.43 21.50
N HIS A 136 -7.58 1.95 21.33
CA HIS A 136 -7.04 0.94 22.21
C HIS A 136 -6.14 1.52 23.31
N PHE A 137 -5.90 2.83 23.35
CA PHE A 137 -5.06 3.44 24.37
C PHE A 137 -5.78 4.55 25.18
N LEU A 138 -6.45 5.49 24.52
CA LEU A 138 -7.11 6.61 25.19
C LEU A 138 -8.19 6.20 26.22
N PRO A 139 -9.09 5.23 25.95
CA PRO A 139 -10.11 4.86 26.96
C PRO A 139 -9.48 4.40 28.29
N ALA A 140 -8.39 3.60 28.23
CA ALA A 140 -7.70 3.12 29.43
C ALA A 140 -7.07 4.26 30.20
N ALA A 141 -6.49 5.23 29.48
CA ALA A 141 -5.86 6.40 30.08
C ALA A 141 -6.92 7.29 30.73
N LEU A 142 -8.06 7.47 30.06
CA LEU A 142 -9.20 8.24 30.57
C LEU A 142 -9.77 7.58 31.85
N ARG A 143 -9.91 6.24 31.84
CA ARG A 143 -10.43 5.48 32.98
C ARG A 143 -9.50 5.63 34.18
N ALA A 144 -8.19 5.53 33.93
CA ALA A 144 -7.17 5.67 34.98
C ALA A 144 -7.12 7.09 35.52
N ALA A 145 -7.29 8.12 34.68
CA ALA A 145 -7.29 9.51 35.15
C ALA A 145 -8.50 9.79 36.03
N LEU A 146 -9.68 9.26 35.64
CA LEU A 146 -10.89 9.47 36.43
C LEU A 146 -10.83 8.74 37.77
N LEU A 147 -10.14 7.59 37.82
CA LEU A 147 -9.99 6.85 39.08
C LEU A 147 -8.80 7.31 39.94
N GLY A 148 -8.00 8.23 39.45
CA GLY A 148 -6.82 8.72 40.18
C GLY A 148 -5.74 7.66 40.24
N ARG A 149 -5.56 6.95 39.13
CA ARG A 149 -4.59 5.84 39.05
C ARG A 149 -3.75 5.95 37.76
N LEU A 150 -3.54 7.17 37.25
CA LEU A 150 -2.82 7.35 35.96
C LEU A 150 -1.36 6.91 36.09
N ARG A 151 -0.74 7.13 37.25
CA ARG A 151 0.68 6.76 37.45
C ARG A 151 0.83 5.24 37.37
N THR A 152 -0.14 4.51 37.89
CA THR A 152 -0.10 3.03 37.78
C THR A 152 -0.07 2.65 36.29
N LEU A 153 -0.70 3.45 35.44
CA LEU A 153 -0.72 3.18 33.98
C LEU A 153 0.52 3.81 33.32
#